data_3GNG
#
_entry.id   3GNG
#
_cell.length_a   58.776
_cell.length_b   60.087
_cell.length_c   68.628
_cell.angle_alpha   90.00
_cell.angle_beta   95.34
_cell.angle_gamma   90.00
#
_symmetry.space_group_name_H-M   'P 1 21 1'
#
_entity_poly.entity_id   1
_entity_poly.type   'polypeptide(L)'
_entity_poly.pdbx_seq_one_letter_code
;GPLGMATEEAIIRIPPYHYIHVLDQNSNVSRVEVGPKTYIRQDNERVLFAPVRMVTVPPRHYCIVANPVSRDAQSSVLFD
VTGQVRLRHADQEIRLAQDPFPLYPGELLEKDITPLQVVLPNTALHLKALLDFEDKNGDKVMAGDEWLFEGPGTYIPQKE
VEVVEIIQATVIKQNQALRLRARKECFDRDGKERVTGEEWLVRSVGAYLPAVFEEVLDLVDAVILTEKTALHLRARQNFK
DLRGVAHRTGEEWLVTVQDTEAHVPDVYEEVLGVVPITTLGPRHYCVILDPMGPDGKNQLGQKRVVKGEKSFFLQPGERL
ERGIQDVYVLSEQQGLLLKALQPLEEGEGEERVAHQAGDRWLIRGPLEYVPSAKVEVVEERQAIPLD
;
_entity_poly.pdbx_strand_id   A
#
# COMPACT_ATOMS: atom_id res chain seq x y z
N ALA A 6 27.86 -67.28 -24.42
CA ALA A 6 27.02 -66.57 -23.46
C ALA A 6 26.53 -65.25 -24.03
N THR A 7 25.33 -65.20 -24.55
CA THR A 7 24.81 -63.96 -25.05
C THR A 7 24.85 -62.96 -23.95
N GLU A 8 23.73 -62.70 -23.31
CA GLU A 8 23.61 -61.50 -22.49
C GLU A 8 24.16 -61.73 -21.07
N GLU A 9 24.33 -60.65 -20.32
CA GLU A 9 24.86 -60.72 -18.95
C GLU A 9 23.94 -61.54 -18.05
N ALA A 10 24.48 -62.63 -17.50
CA ALA A 10 23.72 -63.52 -16.64
C ALA A 10 23.75 -63.08 -15.17
N ILE A 11 24.92 -62.60 -14.73
CA ILE A 11 25.10 -62.15 -13.36
C ILE A 11 25.40 -60.64 -13.33
N ILE A 12 24.52 -59.90 -12.67
CA ILE A 12 24.65 -58.44 -12.57
C ILE A 12 24.77 -58.03 -11.10
N ARG A 13 25.92 -57.44 -10.77
CA ARG A 13 26.15 -56.92 -9.42
C ARG A 13 25.60 -55.50 -9.31
N ILE A 14 24.59 -55.34 -8.46
CA ILE A 14 23.97 -54.04 -8.22
C ILE A 14 24.57 -53.42 -6.96
N PRO A 15 25.32 -52.30 -7.13
CA PRO A 15 25.94 -51.58 -6.01
C PRO A 15 24.91 -50.97 -5.05
N PRO A 16 25.36 -50.55 -3.85
CA PRO A 16 24.45 -49.86 -2.92
C PRO A 16 23.86 -48.59 -3.54
N TYR A 17 22.57 -48.38 -3.29
CA TYR A 17 21.82 -47.24 -3.83
C TYR A 17 21.82 -47.18 -5.37
N HIS A 18 21.71 -48.36 -5.98
CA HIS A 18 21.59 -48.50 -7.43
C HIS A 18 20.41 -49.42 -7.77
N TYR A 19 19.93 -49.34 -9.01
CA TYR A 19 18.80 -50.16 -9.45
C TYR A 19 18.84 -50.51 -10.94
N ILE A 20 18.15 -51.59 -11.30
CA ILE A 20 18.00 -52.03 -12.68
C ILE A 20 16.53 -52.34 -12.97
N HIS A 21 16.14 -52.24 -14.24
CA HIS A 21 14.82 -52.68 -14.67
C HIS A 21 14.91 -54.02 -15.39
N VAL A 22 14.15 -54.99 -14.88
CA VAL A 22 14.13 -56.34 -15.46
C VAL A 22 12.77 -56.61 -16.10
N LEU A 23 12.80 -56.99 -17.37
CA LEU A 23 11.58 -57.32 -18.11
C LEU A 23 11.41 -58.83 -18.23
N ASP A 24 10.23 -59.31 -17.86
CA ASP A 24 9.86 -60.71 -18.05
C ASP A 24 9.32 -60.87 -19.47
N GLN A 25 10.13 -61.47 -20.33
CA GLN A 25 9.87 -61.53 -21.78
C GLN A 25 8.55 -62.19 -22.16
N ASN A 26 8.20 -63.27 -21.48
CA ASN A 26 6.97 -64.01 -21.80
C ASN A 26 5.73 -63.60 -20.99
N SER A 27 5.71 -62.36 -20.54
CA SER A 27 4.56 -61.78 -19.83
C SER A 27 4.55 -60.25 -19.86
N ASN A 28 5.64 -59.67 -20.35
CA ASN A 28 5.84 -58.20 -20.41
C ASN A 28 5.79 -57.49 -19.05
N VAL A 29 6.00 -58.25 -17.98
CA VAL A 29 6.04 -57.69 -16.63
C VAL A 29 7.40 -57.04 -16.38
N SER A 30 7.41 -55.72 -16.32
CA SER A 30 8.62 -54.95 -16.08
C SER A 30 8.68 -54.50 -14.62
N ARG A 31 9.74 -54.90 -13.93
CA ARG A 31 9.90 -54.58 -12.52
C ARG A 31 11.29 -54.01 -12.21
N VAL A 32 11.45 -53.47 -11.00
CA VAL A 32 12.72 -52.92 -10.55
C VAL A 32 13.40 -53.84 -9.53
N GLU A 33 14.70 -54.02 -9.69
CA GLU A 33 15.51 -54.79 -8.74
C GLU A 33 16.47 -53.88 -7.99
N VAL A 34 16.40 -53.93 -6.66
CA VAL A 34 17.12 -53.02 -5.78
C VAL A 34 18.41 -53.62 -5.21
N GLY A 35 19.46 -52.80 -5.13
CA GLY A 35 20.72 -53.21 -4.52
C GLY A 35 20.77 -52.92 -3.03
N PRO A 36 21.88 -53.30 -2.35
CA PRO A 36 23.05 -53.97 -2.92
C PRO A 36 22.94 -55.50 -2.89
N LYS A 37 22.84 -56.10 -4.07
CA LYS A 37 22.78 -57.55 -4.20
C LYS A 37 23.29 -58.04 -5.57
N THR A 38 23.85 -59.25 -5.56
CA THR A 38 24.31 -59.90 -6.79
C THR A 38 23.12 -60.61 -7.45
N TYR A 39 22.56 -59.98 -8.47
CA TYR A 39 21.37 -60.49 -9.13
C TYR A 39 21.71 -61.52 -10.21
N ILE A 40 20.93 -62.61 -10.23
CA ILE A 40 21.08 -63.64 -11.24
C ILE A 40 19.89 -63.59 -12.19
N ARG A 41 20.17 -63.31 -13.46
CA ARG A 41 19.14 -63.20 -14.49
C ARG A 41 18.69 -64.58 -14.95
N GLN A 42 17.38 -64.72 -15.16
CA GLN A 42 16.79 -66.00 -15.59
C GLN A 42 16.62 -66.04 -17.12
N ASP A 43 16.28 -67.22 -17.64
CA ASP A 43 16.13 -67.43 -19.08
C ASP A 43 14.94 -66.69 -19.69
N ASN A 44 13.93 -66.42 -18.88
CA ASN A 44 12.74 -65.69 -19.31
C ASN A 44 12.87 -64.18 -19.12
N GLU A 45 13.99 -63.75 -18.54
CA GLU A 45 14.21 -62.35 -18.19
C GLU A 45 15.25 -61.66 -19.07
N ARG A 46 15.20 -60.33 -19.09
CA ARG A 46 16.14 -59.51 -19.84
C ARG A 46 16.39 -58.20 -19.11
N VAL A 47 17.67 -57.87 -18.91
CA VAL A 47 18.06 -56.64 -18.22
C VAL A 47 18.10 -55.48 -19.20
N LEU A 48 17.34 -54.44 -18.89
CA LEU A 48 17.17 -53.28 -19.78
C LEU A 48 18.41 -52.38 -19.83
N PHE A 49 19.00 -52.10 -18.67
CA PHE A 49 20.20 -51.26 -18.57
C PHE A 49 21.06 -51.59 -17.36
N ALA A 50 22.32 -51.18 -17.42
CA ALA A 50 23.27 -51.35 -16.31
C ALA A 50 22.87 -50.51 -15.10
N PRO A 51 23.26 -50.95 -13.88
CA PRO A 51 22.89 -50.25 -12.64
C PRO A 51 23.16 -48.75 -12.65
N VAL A 52 22.10 -47.97 -12.50
CA VAL A 52 22.19 -46.51 -12.43
C VAL A 52 21.97 -46.02 -10.99
N ARG A 53 22.53 -44.85 -10.68
CA ARG A 53 22.40 -44.26 -9.35
C ARG A 53 20.96 -43.87 -9.05
N MET A 54 20.52 -44.11 -7.81
CA MET A 54 19.18 -43.72 -7.36
C MET A 54 19.04 -42.21 -7.26
N VAL A 55 17.81 -41.74 -7.34
CA VAL A 55 17.52 -40.31 -7.16
C VAL A 55 17.60 -39.96 -5.68
N THR A 56 18.74 -39.41 -5.28
CA THR A 56 18.95 -38.99 -3.90
C THR A 56 18.53 -37.53 -3.75
N VAL A 57 17.58 -37.29 -2.84
CA VAL A 57 17.11 -35.94 -2.56
C VAL A 57 17.68 -35.46 -1.23
N PRO A 58 18.65 -34.54 -1.27
CA PRO A 58 19.25 -33.98 -0.06
C PRO A 58 18.28 -33.03 0.65
N PRO A 59 18.53 -32.73 1.95
CA PRO A 59 17.75 -31.73 2.67
C PRO A 59 17.79 -30.36 1.98
N ARG A 60 16.70 -29.61 2.12
CA ARG A 60 16.53 -28.29 1.48
C ARG A 60 16.29 -28.38 -0.04
N HIS A 61 15.96 -29.58 -0.52
CA HIS A 61 15.80 -29.82 -1.95
C HIS A 61 14.53 -30.62 -2.28
N TYR A 62 14.10 -30.54 -3.53
CA TYR A 62 12.94 -31.29 -4.01
C TYR A 62 13.10 -31.72 -5.48
N CYS A 63 12.22 -32.62 -5.93
CA CYS A 63 12.18 -33.05 -7.32
C CYS A 63 10.75 -33.45 -7.72
N ILE A 64 10.46 -33.36 -9.02
CA ILE A 64 9.14 -33.73 -9.54
C ILE A 64 9.24 -35.01 -10.36
N VAL A 65 8.41 -35.99 -10.01
CA VAL A 65 8.39 -37.27 -10.71
C VAL A 65 7.13 -37.39 -11.57
N ALA A 66 7.34 -37.55 -12.88
CA ALA A 66 6.24 -37.73 -13.83
C ALA A 66 5.73 -39.17 -13.76
N ASN A 67 4.41 -39.32 -13.93
CA ASN A 67 3.72 -40.62 -13.86
C ASN A 67 4.07 -41.44 -12.62
N PRO A 68 3.82 -40.89 -11.42
CA PRO A 68 4.24 -41.54 -10.17
C PRO A 68 3.49 -42.84 -9.89
N VAL A 69 4.12 -43.72 -9.10
CA VAL A 69 3.52 -45.02 -8.76
C VAL A 69 2.29 -44.88 -7.87
N SER A 70 1.27 -45.66 -8.18
CA SER A 70 0.04 -45.69 -7.40
C SER A 70 0.29 -46.47 -6.10
N ARG A 71 0.02 -45.83 -4.97
CA ARG A 71 0.26 -46.44 -3.66
C ARG A 71 -0.95 -46.34 -2.73
N ASP A 72 -1.12 -47.36 -1.89
CA ASP A 72 -2.26 -47.46 -0.98
C ASP A 72 -2.06 -46.67 0.31
N ALA A 73 -2.81 -47.01 1.35
CA ALA A 73 -2.70 -46.39 2.67
C ALA A 73 -1.41 -46.79 3.38
N GLN A 74 -0.85 -47.93 2.98
CA GLN A 74 0.39 -48.45 3.56
C GLN A 74 1.63 -47.90 2.83
N SER A 75 1.42 -46.94 1.93
CA SER A 75 2.47 -46.34 1.10
C SER A 75 3.10 -47.33 0.10
N SER A 76 2.76 -48.61 0.24
CA SER A 76 3.28 -49.68 -0.62
C SER A 76 2.76 -49.56 -2.04
N VAL A 77 3.62 -49.87 -3.01
CA VAL A 77 3.29 -49.77 -4.43
C VAL A 77 2.25 -50.82 -4.82
N LEU A 78 1.15 -50.36 -5.42
CA LEU A 78 0.09 -51.24 -5.92
C LEU A 78 0.51 -51.89 -7.24
N PHE A 79 0.08 -53.13 -7.44
CA PHE A 79 0.42 -53.89 -8.64
C PHE A 79 -0.81 -54.15 -9.51
N ASP A 80 -0.56 -54.43 -10.78
CA ASP A 80 -1.62 -54.75 -11.74
C ASP A 80 -2.04 -56.22 -11.59
N VAL A 81 -2.98 -56.64 -12.44
CA VAL A 81 -3.45 -58.04 -12.44
C VAL A 81 -2.37 -59.02 -12.95
N THR A 82 -1.36 -58.48 -13.63
CA THR A 82 -0.26 -59.27 -14.17
C THR A 82 1.00 -59.21 -13.31
N GLY A 83 1.06 -58.23 -12.41
CA GLY A 83 2.22 -58.02 -11.55
C GLY A 83 3.01 -56.77 -11.90
N GLN A 84 2.50 -56.03 -12.88
CA GLN A 84 3.10 -54.77 -13.32
C GLN A 84 2.77 -53.65 -12.34
N VAL A 85 3.77 -52.83 -12.03
CA VAL A 85 3.58 -51.66 -11.16
C VAL A 85 2.68 -50.62 -11.83
N ARG A 86 1.48 -50.41 -11.27
CA ARG A 86 0.52 -49.46 -11.83
C ARG A 86 0.93 -48.02 -11.55
N LEU A 87 0.76 -47.17 -12.56
CA LEU A 87 1.23 -45.80 -12.50
C LEU A 87 0.08 -44.81 -12.66
N ARG A 88 0.15 -43.73 -11.90
CA ARG A 88 -0.77 -42.60 -12.07
C ARG A 88 -0.32 -41.81 -13.29
N HIS A 89 -0.85 -42.19 -14.46
CA HIS A 89 -0.44 -41.58 -15.73
C HIS A 89 -0.80 -40.10 -15.82
N ALA A 90 -0.01 -39.36 -16.59
CA ALA A 90 -0.22 -37.92 -16.87
C ALA A 90 0.20 -36.96 -15.74
N ASP A 91 -0.35 -37.15 -14.55
CA ASP A 91 -0.11 -36.21 -13.44
C ASP A 91 1.28 -36.35 -12.82
N GLN A 92 1.61 -35.45 -11.89
CA GLN A 92 2.94 -35.35 -11.30
C GLN A 92 2.91 -35.42 -9.76
N GLU A 93 4.05 -35.74 -9.17
CA GLU A 93 4.20 -35.80 -7.72
C GLU A 93 5.49 -35.13 -7.25
N ILE A 94 5.38 -34.34 -6.19
CA ILE A 94 6.52 -33.65 -5.59
C ILE A 94 7.09 -34.46 -4.43
N ARG A 95 8.39 -34.71 -4.47
CA ARG A 95 9.07 -35.48 -3.43
C ARG A 95 10.18 -34.68 -2.76
N LEU A 96 10.19 -34.70 -1.43
CA LEU A 96 11.13 -33.91 -0.63
C LEU A 96 12.31 -34.75 -0.13
N ALA A 97 13.03 -34.23 0.87
CA ALA A 97 14.17 -34.92 1.48
C ALA A 97 13.77 -36.32 1.97
N GLN A 98 14.36 -37.32 1.35
CA GLN A 98 13.96 -38.71 1.54
C GLN A 98 15.15 -39.64 1.34
N ASP A 99 15.06 -40.86 1.87
CA ASP A 99 16.02 -41.92 1.59
C ASP A 99 16.07 -42.20 0.09
N PRO A 100 17.29 -42.39 -0.47
CA PRO A 100 17.47 -42.63 -1.91
C PRO A 100 16.50 -43.67 -2.45
N PHE A 101 15.76 -43.29 -3.50
CA PHE A 101 14.73 -44.15 -4.07
C PHE A 101 15.00 -44.49 -5.53
N PRO A 102 14.67 -45.73 -5.94
CA PRO A 102 14.76 -46.11 -7.35
C PRO A 102 13.57 -45.60 -8.14
N LEU A 103 13.73 -45.54 -9.47
CA LEU A 103 12.62 -45.22 -10.35
C LEU A 103 11.98 -46.51 -10.87
N TYR A 104 10.66 -46.57 -10.81
CA TYR A 104 9.90 -47.72 -11.28
C TYR A 104 9.67 -47.67 -12.79
N PRO A 105 9.51 -48.84 -13.44
CA PRO A 105 9.24 -48.88 -14.88
C PRO A 105 8.00 -48.08 -15.25
N GLY A 106 8.21 -46.92 -15.85
CA GLY A 106 7.12 -46.03 -16.23
C GLY A 106 7.32 -44.60 -15.75
N GLU A 107 7.62 -44.45 -14.46
CA GLU A 107 7.86 -43.12 -13.89
C GLU A 107 9.23 -42.58 -14.29
N LEU A 108 9.27 -41.29 -14.62
CA LEU A 108 10.50 -40.62 -15.02
C LEU A 108 10.70 -39.29 -14.30
N LEU A 109 11.95 -38.87 -14.18
CA LEU A 109 12.31 -37.63 -13.50
C LEU A 109 11.94 -36.42 -14.35
N GLU A 110 10.79 -35.82 -14.03
CA GLU A 110 10.28 -34.65 -14.75
C GLU A 110 11.13 -33.42 -14.45
N LYS A 111 11.54 -33.29 -13.19
CA LYS A 111 12.41 -32.22 -12.75
C LYS A 111 13.49 -32.80 -11.83
N ASP A 112 14.74 -32.40 -12.06
CA ASP A 112 15.87 -32.89 -11.27
C ASP A 112 15.91 -32.24 -9.89
N ILE A 113 16.89 -32.63 -9.08
CA ILE A 113 17.05 -32.08 -7.73
C ILE A 113 17.21 -30.56 -7.76
N THR A 114 16.22 -29.87 -7.20
CA THR A 114 16.18 -28.41 -7.20
C THR A 114 16.02 -27.92 -5.76
N PRO A 115 16.85 -26.94 -5.34
CA PRO A 115 16.75 -26.38 -3.99
C PRO A 115 15.40 -25.73 -3.71
N LEU A 116 14.86 -25.97 -2.51
CA LEU A 116 13.62 -25.37 -2.07
C LEU A 116 13.74 -23.85 -2.01
N GLN A 117 12.67 -23.15 -2.37
CA GLN A 117 12.66 -21.70 -2.38
C GLN A 117 12.72 -21.15 -0.95
N VAL A 118 13.76 -20.37 -0.68
CA VAL A 118 13.96 -19.74 0.63
C VAL A 118 13.41 -18.32 0.64
N VAL A 119 12.50 -18.05 1.57
CA VAL A 119 11.89 -16.73 1.71
C VAL A 119 12.73 -15.88 2.66
N LEU A 120 13.12 -14.71 2.20
CA LEU A 120 13.94 -13.78 2.98
C LEU A 120 13.08 -12.99 3.97
N PRO A 121 13.69 -12.45 5.04
CA PRO A 121 12.97 -11.54 5.94
C PRO A 121 12.52 -10.27 5.22
N ASN A 122 11.41 -9.71 5.68
CA ASN A 122 10.78 -8.52 5.07
C ASN A 122 10.19 -8.76 3.67
N THR A 123 10.10 -10.04 3.28
CA THR A 123 9.46 -10.43 2.02
C THR A 123 8.46 -11.56 2.23
N ALA A 124 7.41 -11.57 1.39
CA ALA A 124 6.36 -12.59 1.47
C ALA A 124 5.99 -13.11 0.09
N LEU A 125 5.54 -14.36 0.04
CA LEU A 125 5.11 -14.99 -1.21
C LEU A 125 3.61 -14.89 -1.41
N HIS A 126 3.20 -14.45 -2.60
CA HIS A 126 1.80 -14.41 -2.98
C HIS A 126 1.35 -15.80 -3.42
N LEU A 127 0.45 -16.39 -2.66
CA LEU A 127 0.00 -17.76 -2.94
C LEU A 127 -1.49 -17.81 -3.26
N LYS A 128 -1.82 -18.45 -4.38
CA LYS A 128 -3.20 -18.64 -4.81
C LYS A 128 -3.50 -20.13 -4.98
N ALA A 129 -4.64 -20.55 -4.44
CA ALA A 129 -5.08 -21.93 -4.55
C ALA A 129 -5.66 -22.23 -5.93
N LEU A 130 -5.08 -23.21 -6.61
CA LEU A 130 -5.48 -23.59 -7.95
C LEU A 130 -6.66 -24.56 -7.93
N LEU A 131 -6.65 -25.48 -6.96
CA LEU A 131 -7.76 -26.40 -6.74
C LEU A 131 -7.97 -26.70 -5.25
N ASP A 132 -9.12 -27.32 -4.93
CA ASP A 132 -9.49 -27.58 -3.54
C ASP A 132 -8.57 -28.59 -2.86
N PHE A 133 -8.11 -28.25 -1.66
CA PHE A 133 -7.23 -29.12 -0.87
C PHE A 133 -7.32 -28.81 0.63
N GLU A 134 -6.96 -29.78 1.45
CA GLU A 134 -6.86 -29.60 2.89
C GLU A 134 -5.40 -29.35 3.28
N ASP A 135 -5.16 -28.29 4.05
CA ASP A 135 -3.81 -27.90 4.42
C ASP A 135 -3.27 -28.68 5.64
N LYS A 136 -2.16 -28.19 6.20
CA LYS A 136 -1.48 -28.85 7.30
C LYS A 136 -2.27 -28.80 8.62
N ASN A 137 -2.95 -27.67 8.84
CA ASN A 137 -3.74 -27.46 10.06
C ASN A 137 -5.03 -28.28 10.09
N GLY A 138 -5.71 -28.37 8.95
CA GLY A 138 -6.99 -29.06 8.84
C GLY A 138 -8.05 -28.22 8.17
N ASP A 139 -7.66 -27.02 7.73
CA ASP A 139 -8.55 -26.10 7.04
C ASP A 139 -8.80 -26.54 5.60
N LYS A 140 -10.04 -26.33 5.14
CA LYS A 140 -10.42 -26.61 3.76
C LYS A 140 -10.18 -25.36 2.92
N VAL A 141 -9.22 -25.45 2.00
CA VAL A 141 -8.86 -24.31 1.15
C VAL A 141 -9.54 -24.43 -0.22
N MET A 142 -10.20 -23.36 -0.63
CA MET A 142 -10.98 -23.34 -1.88
C MET A 142 -10.17 -22.79 -3.04
N ALA A 143 -10.46 -23.28 -4.24
CA ALA A 143 -9.84 -22.78 -5.47
C ALA A 143 -10.25 -21.33 -5.71
N GLY A 144 -9.27 -20.43 -5.59
CA GLY A 144 -9.51 -18.99 -5.74
C GLY A 144 -9.07 -18.20 -4.53
N ASP A 145 -8.80 -18.89 -3.42
CA ASP A 145 -8.35 -18.27 -2.18
C ASP A 145 -6.92 -17.78 -2.29
N GLU A 146 -6.64 -16.63 -1.68
CA GLU A 146 -5.32 -16.02 -1.71
C GLU A 146 -4.82 -15.70 -0.31
N TRP A 147 -3.54 -16.00 -0.06
CA TRP A 147 -2.91 -15.75 1.24
C TRP A 147 -1.40 -15.50 1.09
N LEU A 148 -0.77 -15.05 2.16
CA LEU A 148 0.67 -14.75 2.16
C LEU A 148 1.50 -15.71 3.00
N PHE A 149 2.79 -15.78 2.69
CA PHE A 149 3.74 -16.57 3.45
C PHE A 149 4.98 -15.74 3.75
N GLU A 150 5.00 -15.16 4.94
CA GLU A 150 6.06 -14.23 5.35
C GLU A 150 7.34 -14.95 5.78
N GLY A 151 8.48 -14.40 5.39
CA GLY A 151 9.79 -14.92 5.79
C GLY A 151 10.28 -14.32 7.09
N PRO A 152 11.46 -14.76 7.57
CA PRO A 152 12.33 -15.77 6.97
C PRO A 152 11.80 -17.20 7.12
N GLY A 153 12.11 -18.04 6.15
CA GLY A 153 11.66 -19.43 6.14
C GLY A 153 11.87 -20.11 4.81
N THR A 154 11.37 -21.33 4.69
CA THR A 154 11.51 -22.12 3.46
C THR A 154 10.14 -22.59 2.97
N TYR A 155 9.81 -22.21 1.73
CA TYR A 155 8.55 -22.59 1.13
C TYR A 155 8.62 -23.96 0.47
N ILE A 156 7.63 -24.80 0.76
CA ILE A 156 7.51 -26.12 0.15
C ILE A 156 6.43 -26.08 -0.93
N PRO A 157 6.81 -26.36 -2.20
CA PRO A 157 5.89 -26.29 -3.33
C PRO A 157 4.80 -27.35 -3.27
N GLN A 158 3.62 -27.00 -3.77
CA GLN A 158 2.47 -27.90 -3.80
C GLN A 158 1.77 -27.73 -5.15
N LYS A 159 1.32 -28.83 -5.73
CA LYS A 159 0.65 -28.81 -7.04
C LYS A 159 -0.68 -28.06 -7.02
N GLU A 160 -1.28 -27.94 -5.83
CA GLU A 160 -2.55 -27.25 -5.65
C GLU A 160 -2.38 -25.74 -5.48
N VAL A 161 -1.14 -25.29 -5.28
CA VAL A 161 -0.85 -23.88 -4.99
C VAL A 161 0.17 -23.31 -5.98
N GLU A 162 -0.07 -22.07 -6.44
CA GLU A 162 0.89 -21.37 -7.30
C GLU A 162 1.49 -20.16 -6.60
N VAL A 163 2.70 -19.76 -7.04
CA VAL A 163 3.36 -18.57 -6.53
C VAL A 163 3.18 -17.43 -7.55
N VAL A 164 2.37 -16.45 -7.18
CA VAL A 164 2.05 -15.33 -8.08
C VAL A 164 3.24 -14.36 -8.18
N GLU A 165 3.66 -13.82 -7.03
CA GLU A 165 4.74 -12.84 -6.98
C GLU A 165 5.44 -12.81 -5.62
N ILE A 166 6.58 -12.11 -5.56
CA ILE A 166 7.29 -11.88 -4.32
C ILE A 166 7.05 -10.45 -3.86
N ILE A 167 6.51 -10.30 -2.65
CA ILE A 167 6.17 -8.97 -2.11
C ILE A 167 7.27 -8.45 -1.19
N GLN A 168 7.87 -7.33 -1.61
CA GLN A 168 8.89 -6.63 -0.82
C GLN A 168 8.22 -5.57 0.06
N ALA A 169 8.58 -5.55 1.34
CA ALA A 169 8.04 -4.57 2.28
C ALA A 169 8.63 -3.18 2.03
N THR A 170 7.75 -2.18 2.02
CA THR A 170 8.16 -0.79 1.76
C THR A 170 8.42 -0.06 3.07
N VAL A 171 9.61 0.52 3.19
CA VAL A 171 9.99 1.29 4.38
C VAL A 171 9.41 2.70 4.32
N ILE A 172 8.79 3.12 5.43
CA ILE A 172 8.19 4.44 5.54
C ILE A 172 8.99 5.28 6.54
N LYS A 173 9.42 6.47 6.10
CA LYS A 173 10.22 7.38 6.93
C LYS A 173 9.38 8.17 7.93
N GLN A 174 10.00 9.16 8.57
CA GLN A 174 9.36 9.96 9.62
C GLN A 174 8.20 10.80 9.11
N ASN A 175 8.48 11.66 8.12
CA ASN A 175 7.45 12.53 7.55
C ASN A 175 6.86 11.97 6.25
N GLN A 176 6.48 10.69 6.29
CA GLN A 176 5.95 10.00 5.13
C GLN A 176 4.76 9.09 5.46
N ALA A 177 3.98 8.77 4.43
CA ALA A 177 2.86 7.84 4.55
C ALA A 177 2.68 7.04 3.27
N LEU A 178 2.25 5.78 3.40
CA LEU A 178 2.07 4.90 2.26
C LEU A 178 0.60 4.80 1.85
N ARG A 179 0.34 5.09 0.57
CA ARG A 179 -1.01 5.02 0.01
C ARG A 179 -1.29 3.60 -0.47
N LEU A 180 -2.40 3.03 0.02
CA LEU A 180 -2.78 1.67 -0.35
C LEU A 180 -4.09 1.60 -1.12
N ARG A 181 -4.28 0.51 -1.86
CA ARG A 181 -5.49 0.26 -2.64
C ARG A 181 -6.04 -1.13 -2.30
N ALA A 182 -7.33 -1.20 -2.02
CA ALA A 182 -7.98 -2.48 -1.74
C ALA A 182 -8.40 -3.18 -3.04
N ARG A 183 -7.83 -4.36 -3.26
CA ARG A 183 -8.17 -5.18 -4.42
C ARG A 183 -9.54 -5.84 -4.26
N LYS A 184 -9.80 -6.37 -3.06
CA LYS A 184 -11.09 -6.96 -2.71
C LYS A 184 -11.50 -6.52 -1.31
N GLU A 185 -12.67 -6.96 -0.87
CA GLU A 185 -13.17 -6.66 0.49
C GLU A 185 -12.24 -7.24 1.54
N CYS A 186 -11.49 -6.35 2.20
CA CYS A 186 -10.50 -6.75 3.21
C CYS A 186 -10.59 -5.85 4.44
N PHE A 187 -9.77 -6.15 5.44
CA PHE A 187 -9.70 -5.37 6.66
C PHE A 187 -8.35 -4.67 6.84
N ASP A 188 -8.42 -3.42 7.28
CA ASP A 188 -7.25 -2.59 7.53
C ASP A 188 -6.44 -3.13 8.70
N ARG A 189 -5.16 -2.73 8.76
CA ARG A 189 -4.28 -3.12 9.86
C ARG A 189 -4.71 -2.50 11.19
N ASP A 190 -5.54 -1.46 11.12
CA ASP A 190 -6.12 -0.83 12.30
C ASP A 190 -7.43 -1.50 12.69
N GLY A 191 -7.92 -2.40 11.84
CA GLY A 191 -9.16 -3.12 12.08
C GLY A 191 -10.37 -2.42 11.51
N LYS A 192 -10.22 -1.87 10.31
CA LYS A 192 -11.29 -1.14 9.63
C LYS A 192 -11.64 -1.83 8.32
N GLU A 193 -12.93 -2.07 8.10
CA GLU A 193 -13.40 -2.73 6.88
C GLU A 193 -13.26 -1.80 5.68
N ARG A 194 -12.68 -2.33 4.60
CA ARG A 194 -12.45 -1.56 3.38
C ARG A 194 -13.12 -2.23 2.18
N VAL A 195 -13.83 -1.42 1.38
CA VAL A 195 -14.50 -1.92 0.18
C VAL A 195 -13.54 -2.01 -1.01
N THR A 196 -13.98 -2.68 -2.08
CA THR A 196 -13.19 -2.84 -3.29
C THR A 196 -12.91 -1.51 -3.97
N GLY A 197 -11.64 -1.15 -4.06
CA GLY A 197 -11.21 0.09 -4.72
C GLY A 197 -10.99 1.25 -3.77
N GLU A 198 -11.20 1.01 -2.47
CA GLU A 198 -11.02 2.05 -1.45
C GLU A 198 -9.53 2.28 -1.17
N GLU A 199 -9.17 3.54 -0.94
CA GLU A 199 -7.78 3.92 -0.65
C GLU A 199 -7.64 4.55 0.73
N TRP A 200 -6.52 4.26 1.39
CA TRP A 200 -6.21 4.83 2.71
C TRP A 200 -4.70 4.96 2.91
N LEU A 201 -4.32 5.68 3.96
CA LEU A 201 -2.91 5.95 4.25
C LEU A 201 -2.42 5.24 5.51
N VAL A 202 -1.22 4.69 5.44
CA VAL A 202 -0.56 4.08 6.60
C VAL A 202 0.48 5.06 7.14
N ARG A 203 0.28 5.49 8.38
CA ARG A 203 1.13 6.51 9.00
C ARG A 203 2.21 5.92 9.90
N SER A 204 2.33 4.59 9.89
CA SER A 204 3.33 3.88 10.70
C SER A 204 4.74 4.09 10.15
N VAL A 205 5.69 4.28 11.06
CA VAL A 205 7.09 4.50 10.69
C VAL A 205 7.87 3.19 10.76
N GLY A 206 8.57 2.87 9.67
CA GLY A 206 9.37 1.64 9.58
C GLY A 206 8.98 0.79 8.39
N ALA A 207 9.34 -0.49 8.46
CA ALA A 207 9.02 -1.44 7.39
C ALA A 207 7.56 -1.85 7.44
N TYR A 208 6.90 -1.77 6.28
CA TYR A 208 5.50 -2.16 6.17
C TYR A 208 5.31 -3.21 5.06
N LEU A 209 4.87 -4.39 5.46
CA LEU A 209 4.53 -5.45 4.53
C LEU A 209 3.02 -5.46 4.31
N PRO A 210 2.57 -5.19 3.07
CA PRO A 210 1.14 -5.11 2.77
C PRO A 210 0.45 -6.47 2.87
N ALA A 211 -0.85 -6.44 3.18
CA ALA A 211 -1.66 -7.66 3.25
C ALA A 211 -1.94 -8.23 1.86
N VAL A 212 -2.61 -9.37 1.81
CA VAL A 212 -2.84 -10.11 0.56
C VAL A 212 -3.62 -9.30 -0.49
N PHE A 213 -4.64 -8.56 -0.07
CA PHE A 213 -5.45 -7.76 -0.99
C PHE A 213 -5.07 -6.27 -0.98
N GLU A 214 -3.99 -5.94 -0.29
CA GLU A 214 -3.50 -4.57 -0.23
C GLU A 214 -2.51 -4.29 -1.37
N GLU A 215 -2.83 -3.27 -2.18
CA GLU A 215 -1.98 -2.88 -3.30
C GLU A 215 -1.21 -1.61 -2.98
N VAL A 216 0.12 -1.69 -3.11
CA VAL A 216 1.01 -0.55 -2.83
C VAL A 216 0.98 0.42 -4.00
N LEU A 217 0.70 1.69 -3.70
CA LEU A 217 0.63 2.74 -4.73
C LEU A 217 1.84 3.67 -4.70
N ASP A 218 1.75 4.74 -3.91
CA ASP A 218 2.80 5.76 -3.87
C ASP A 218 3.06 6.31 -2.47
N LEU A 219 4.34 6.59 -2.18
CA LEU A 219 4.73 7.21 -0.91
C LEU A 219 4.47 8.71 -0.95
N VAL A 220 3.75 9.21 0.04
CA VAL A 220 3.40 10.63 0.12
C VAL A 220 4.20 11.33 1.23
N ASP A 221 4.89 12.40 0.85
CA ASP A 221 5.65 13.20 1.81
C ASP A 221 4.76 14.18 2.56
N ALA A 222 5.07 14.39 3.83
CA ALA A 222 4.35 15.34 4.66
C ALA A 222 4.82 16.77 4.39
N VAL A 223 3.88 17.67 4.19
CA VAL A 223 4.19 19.09 3.98
C VAL A 223 4.52 19.74 5.31
N ILE A 224 5.78 20.16 5.45
CA ILE A 224 6.26 20.81 6.68
C ILE A 224 5.68 22.22 6.78
N LEU A 225 5.00 22.49 7.90
CA LEU A 225 4.33 23.77 8.09
C LEU A 225 5.13 24.73 8.98
N THR A 226 5.64 25.79 8.36
CA THR A 226 6.34 26.86 9.05
C THR A 226 5.32 27.88 9.56
N GLU A 227 5.67 28.61 10.60
CA GLU A 227 4.80 29.62 11.22
C GLU A 227 4.17 30.60 10.21
N LYS A 228 4.92 30.93 9.18
CA LYS A 228 4.47 31.88 8.15
C LYS A 228 3.69 31.24 7.00
N THR A 229 3.58 29.90 7.03
CA THR A 229 2.96 29.15 5.94
C THR A 229 1.76 28.31 6.37
N ALA A 230 0.79 28.16 5.47
CA ALA A 230 -0.37 27.32 5.68
C ALA A 230 -0.73 26.55 4.40
N LEU A 231 -1.24 25.33 4.56
CA LEU A 231 -1.58 24.47 3.43
C LEU A 231 -3.03 24.66 3.00
N HIS A 232 -3.21 25.03 1.74
CA HIS A 232 -4.54 25.19 1.15
C HIS A 232 -5.03 23.84 0.64
N LEU A 233 -6.18 23.41 1.14
CA LEU A 233 -6.74 22.10 0.76
C LEU A 233 -8.21 22.17 0.36
N ARG A 234 -8.60 21.26 -0.54
CA ARG A 234 -10.00 21.11 -0.95
C ARG A 234 -10.39 19.64 -0.91
N ALA A 235 -11.58 19.36 -0.37
CA ALA A 235 -12.07 17.99 -0.26
C ALA A 235 -12.48 17.44 -1.62
N ARG A 236 -11.94 16.26 -1.94
CA ARG A 236 -12.26 15.57 -3.20
C ARG A 236 -13.64 14.91 -3.11
N GLN A 237 -13.99 14.47 -1.91
CA GLN A 237 -15.34 13.93 -1.62
C GLN A 237 -15.67 14.07 -0.12
N ASN A 238 -16.82 13.53 0.28
CA ASN A 238 -17.26 13.57 1.68
C ASN A 238 -16.42 12.66 2.58
N PHE A 239 -15.81 13.26 3.61
CA PHE A 239 -14.95 12.53 4.54
C PHE A 239 -14.72 13.30 5.84
N LYS A 240 -14.27 12.59 6.87
CA LYS A 240 -13.82 13.21 8.12
C LYS A 240 -12.30 13.09 8.22
N ASP A 241 -11.64 14.21 8.54
CA ASP A 241 -10.18 14.26 8.57
C ASP A 241 -9.57 13.59 9.80
N LEU A 242 -8.25 13.63 9.89
CA LEU A 242 -7.50 13.02 11.00
C LEU A 242 -7.74 13.75 12.32
N ARG A 243 -7.93 15.07 12.25
CA ARG A 243 -8.12 15.90 13.44
C ARG A 243 -9.51 15.72 14.06
N GLY A 244 -10.51 15.43 13.23
CA GLY A 244 -11.86 15.18 13.70
C GLY A 244 -12.96 15.96 13.01
N VAL A 245 -12.59 17.09 12.40
CA VAL A 245 -13.56 17.96 11.73
C VAL A 245 -14.03 17.38 10.38
N ALA A 246 -15.35 17.36 10.19
CA ALA A 246 -15.96 16.82 8.97
C ALA A 246 -15.81 17.77 7.78
N HIS A 247 -15.60 17.20 6.60
CA HIS A 247 -15.46 17.96 5.36
C HIS A 247 -16.38 17.41 4.27
N ARG A 248 -16.97 18.30 3.48
CA ARG A 248 -17.84 17.92 2.38
C ARG A 248 -17.22 18.26 1.03
N THR A 249 -17.70 17.60 -0.03
CA THR A 249 -17.17 17.75 -1.38
C THR A 249 -17.17 19.20 -1.85
N GLY A 250 -16.00 19.67 -2.27
CA GLY A 250 -15.85 21.02 -2.82
C GLY A 250 -15.39 22.07 -1.82
N GLU A 251 -15.53 21.77 -0.52
CA GLU A 251 -15.16 22.71 0.54
C GLU A 251 -13.65 22.94 0.62
N GLU A 252 -13.27 24.16 1.00
CA GLU A 252 -11.88 24.54 1.12
C GLU A 252 -11.54 25.02 2.53
N TRP A 253 -10.37 24.62 3.03
CA TRP A 253 -9.91 25.01 4.36
C TRP A 253 -8.37 25.12 4.42
N LEU A 254 -7.89 25.80 5.45
CA LEU A 254 -6.45 25.98 5.67
C LEU A 254 -5.96 25.14 6.85
N VAL A 255 -4.75 24.61 6.72
CA VAL A 255 -4.11 23.86 7.81
C VAL A 255 -2.88 24.62 8.29
N THR A 256 -2.88 24.99 9.56
CA THR A 256 -1.80 25.78 10.16
C THR A 256 -0.90 24.93 11.05
N VAL A 257 0.10 25.56 11.65
CA VAL A 257 1.03 24.90 12.58
C VAL A 257 0.30 24.55 13.89
N GLN A 258 -0.74 25.31 14.20
CA GLN A 258 -1.59 25.06 15.37
C GLN A 258 -2.26 23.69 15.27
N ASP A 259 -2.53 23.25 14.04
CA ASP A 259 -3.12 21.95 13.77
C ASP A 259 -2.07 20.84 13.90
N THR A 260 -1.00 20.94 13.13
CA THR A 260 0.09 19.95 13.11
C THR A 260 1.40 20.54 12.61
N GLU A 261 2.51 19.92 13.00
CA GLU A 261 3.85 20.31 12.53
C GLU A 261 4.04 19.93 11.06
N ALA A 262 3.62 18.72 10.71
CA ALA A 262 3.68 18.21 9.35
C ALA A 262 2.35 17.54 8.97
N HIS A 263 1.84 17.87 7.79
CA HIS A 263 0.57 17.34 7.33
C HIS A 263 0.72 16.51 6.06
N VAL A 264 0.18 15.30 6.08
CA VAL A 264 0.19 14.42 4.91
C VAL A 264 -1.16 14.52 4.19
N PRO A 265 -1.15 14.92 2.91
CA PRO A 265 -2.37 14.99 2.11
C PRO A 265 -3.05 13.63 1.99
N ASP A 266 -4.27 13.53 2.52
CA ASP A 266 -5.01 12.28 2.56
C ASP A 266 -5.62 11.96 1.19
N VAL A 267 -6.16 10.75 1.05
CA VAL A 267 -6.78 10.27 -0.19
C VAL A 267 -7.89 11.20 -0.70
N TYR A 268 -8.71 11.70 0.22
CA TYR A 268 -9.83 12.57 -0.14
C TYR A 268 -9.48 14.06 0.00
N GLU A 269 -8.18 14.34 0.14
CA GLU A 269 -7.67 15.70 0.19
C GLU A 269 -6.95 16.07 -1.10
N GLU A 270 -7.06 17.35 -1.50
CA GLU A 270 -6.40 17.85 -2.70
C GLU A 270 -5.61 19.11 -2.37
N VAL A 271 -4.31 19.09 -2.69
CA VAL A 271 -3.42 20.22 -2.45
C VAL A 271 -3.58 21.29 -3.52
N LEU A 272 -3.82 22.53 -3.08
CA LEU A 272 -4.00 23.66 -3.99
C LEU A 272 -2.81 24.62 -3.99
N GLY A 273 -2.11 24.68 -2.86
CA GLY A 273 -0.93 25.53 -2.72
C GLY A 273 -0.61 25.92 -1.29
N VAL A 274 0.41 26.75 -1.13
CA VAL A 274 0.84 27.23 0.18
C VAL A 274 0.53 28.71 0.33
N VAL A 275 -0.19 29.06 1.39
CA VAL A 275 -0.61 30.44 1.64
C VAL A 275 0.31 31.13 2.66
N PRO A 276 0.94 32.24 2.24
CA PRO A 276 1.78 33.04 3.14
C PRO A 276 0.96 33.81 4.17
N ILE A 277 1.57 34.10 5.32
CA ILE A 277 0.90 34.80 6.41
C ILE A 277 0.74 36.29 6.13
N THR A 278 -0.38 36.86 6.59
CA THR A 278 -0.60 38.30 6.50
C THR A 278 -0.27 38.93 7.84
N THR A 279 0.94 39.47 7.95
CA THR A 279 1.42 40.08 9.19
C THR A 279 1.20 41.58 9.22
N LEU A 280 0.71 42.07 10.35
CA LEU A 280 0.44 43.49 10.54
C LEU A 280 1.13 44.02 11.80
N GLY A 281 1.55 45.28 11.75
CA GLY A 281 2.16 45.94 12.91
C GLY A 281 1.17 46.88 13.58
N PRO A 282 1.61 47.56 14.64
CA PRO A 282 0.77 48.48 15.41
C PRO A 282 0.20 49.62 14.57
N ARG A 283 0.94 50.02 13.54
CA ARG A 283 0.51 51.08 12.63
C ARG A 283 0.15 50.55 11.23
N HIS A 284 -0.46 49.36 11.19
CA HIS A 284 -0.87 48.74 9.93
C HIS A 284 -2.31 48.24 9.98
N TYR A 285 -2.99 48.31 8.85
CA TYR A 285 -4.34 47.76 8.69
C TYR A 285 -4.59 47.29 7.25
N CYS A 286 -5.59 46.43 7.07
CA CYS A 286 -5.96 45.93 5.74
C CYS A 286 -7.45 45.68 5.62
N VAL A 287 -7.96 45.77 4.40
CA VAL A 287 -9.37 45.52 4.10
C VAL A 287 -9.51 44.21 3.31
N ILE A 288 -10.43 43.35 3.74
CA ILE A 288 -10.63 42.05 3.11
C ILE A 288 -11.91 42.03 2.29
N LEU A 289 -11.80 41.73 1.00
CA LEU A 289 -12.96 41.55 0.13
C LEU A 289 -13.47 40.12 0.23
N ASP A 290 -14.80 39.97 0.15
CA ASP A 290 -15.47 38.68 0.26
C ASP A 290 -15.01 37.85 1.46
N PRO A 291 -15.25 38.35 2.69
CA PRO A 291 -14.79 37.62 3.88
C PRO A 291 -15.65 36.40 4.19
N MET A 292 -15.03 35.37 4.76
CA MET A 292 -15.73 34.15 5.10
C MET A 292 -16.67 34.36 6.29
N GLY A 293 -17.94 34.04 6.11
CA GLY A 293 -18.94 34.20 7.15
C GLY A 293 -18.88 33.12 8.22
N PRO A 294 -19.76 33.22 9.24
CA PRO A 294 -19.84 32.22 10.31
C PRO A 294 -20.30 30.85 9.82
N ASP A 295 -20.94 30.82 8.65
CA ASP A 295 -21.40 29.58 8.01
C ASP A 295 -20.29 28.86 7.24
N GLY A 296 -19.16 29.54 7.06
CA GLY A 296 -18.03 28.99 6.30
C GLY A 296 -18.12 29.27 4.81
N LYS A 297 -18.86 30.33 4.47
CA LYS A 297 -19.07 30.72 3.08
C LYS A 297 -18.71 32.19 2.88
N ASN A 298 -18.09 32.49 1.74
CA ASN A 298 -17.63 33.85 1.43
C ASN A 298 -18.79 34.83 1.22
N GLN A 299 -18.82 35.89 2.03
CA GLN A 299 -19.83 36.93 1.92
C GLN A 299 -19.52 37.82 0.71
N LEU A 300 -20.12 37.46 -0.42
CA LEU A 300 -19.86 38.13 -1.71
C LEU A 300 -20.27 39.61 -1.68
N GLY A 301 -19.30 40.48 -1.93
CA GLY A 301 -19.53 41.93 -1.97
C GLY A 301 -19.51 42.61 -0.62
N GLN A 302 -18.79 42.03 0.33
CA GLN A 302 -18.67 42.60 1.67
C GLN A 302 -17.21 42.92 2.02
N LYS A 303 -17.01 43.72 3.05
CA LYS A 303 -15.67 44.15 3.45
C LYS A 303 -15.43 44.05 4.96
N ARG A 304 -14.23 43.62 5.34
CA ARG A 304 -13.84 43.50 6.74
C ARG A 304 -12.51 44.21 6.99
N VAL A 305 -12.43 44.95 8.09
CA VAL A 305 -11.22 45.71 8.43
C VAL A 305 -10.50 45.08 9.63
N VAL A 306 -9.22 44.78 9.45
CA VAL A 306 -8.37 44.20 10.50
C VAL A 306 -7.22 45.15 10.82
N LYS A 307 -6.98 45.39 12.11
CA LYS A 307 -5.95 46.35 12.55
C LYS A 307 -5.28 45.95 13.86
N GLY A 308 -4.38 46.83 14.33
CA GLY A 308 -3.81 46.74 15.68
C GLY A 308 -2.86 45.59 15.94
N GLU A 309 -1.91 45.40 15.02
CA GLU A 309 -0.89 44.34 15.12
C GLU A 309 -1.48 42.95 15.34
N LYS A 310 -1.89 42.30 14.26
CA LYS A 310 -2.45 40.96 14.32
C LYS A 310 -1.91 40.09 13.18
N SER A 311 -1.61 38.84 13.50
CA SER A 311 -1.11 37.88 12.51
C SER A 311 -2.16 36.82 12.19
N PHE A 312 -2.52 36.71 10.93
CA PHE A 312 -3.53 35.75 10.47
C PHE A 312 -3.27 35.32 9.03
N PHE A 313 -3.85 34.18 8.66
CA PHE A 313 -3.78 33.68 7.28
C PHE A 313 -5.03 34.07 6.49
N LEU A 314 -4.84 34.31 5.19
CA LEU A 314 -5.94 34.69 4.33
C LEU A 314 -6.77 33.46 3.94
N GLN A 315 -8.03 33.45 4.37
CA GLN A 315 -8.96 32.34 4.15
C GLN A 315 -9.22 32.09 2.66
N PRO A 316 -9.60 30.85 2.29
CA PRO A 316 -9.92 30.53 0.89
C PRO A 316 -11.02 31.43 0.32
N GLY A 317 -10.72 32.07 -0.80
CA GLY A 317 -11.66 32.96 -1.47
C GLY A 317 -11.68 34.37 -0.92
N GLU A 318 -10.60 34.77 -0.26
CA GLU A 318 -10.45 36.11 0.30
C GLU A 318 -9.30 36.87 -0.37
N ARG A 319 -9.44 38.19 -0.45
CA ARG A 319 -8.43 39.06 -1.07
C ARG A 319 -8.27 40.36 -0.28
N LEU A 320 -7.07 40.94 -0.36
CA LEU A 320 -6.80 42.25 0.22
C LEU A 320 -7.07 43.35 -0.81
N GLU A 321 -7.71 44.43 -0.36
CA GLU A 321 -8.11 45.52 -1.25
C GLU A 321 -6.94 46.38 -1.71
N ARG A 322 -6.09 46.78 -0.76
CA ARG A 322 -4.94 47.63 -1.06
C ARG A 322 -3.69 47.13 -0.32
N GLY A 323 -3.58 45.81 -0.20
CA GLY A 323 -2.45 45.18 0.48
C GLY A 323 -2.36 45.56 1.94
N ILE A 324 -1.14 45.83 2.40
CA ILE A 324 -0.92 46.30 3.77
C ILE A 324 -0.93 47.84 3.76
N GLN A 325 -2.03 48.41 4.24
CA GLN A 325 -2.21 49.86 4.27
C GLN A 325 -1.66 50.45 5.56
N ASP A 326 -1.16 51.69 5.47
CA ASP A 326 -0.64 52.40 6.64
C ASP A 326 -1.77 53.11 7.38
N VAL A 327 -1.78 52.93 8.70
CA VAL A 327 -2.77 53.57 9.57
C VAL A 327 -2.58 55.09 9.55
N TYR A 328 -3.67 55.81 9.27
CA TYR A 328 -3.64 57.27 9.23
C TYR A 328 -3.26 57.86 10.59
N VAL A 329 -1.99 58.23 10.71
CA VAL A 329 -1.49 58.89 11.93
C VAL A 329 -1.57 60.40 11.78
N LEU A 330 -2.33 61.03 12.69
CA LEU A 330 -2.58 62.47 12.62
C LEU A 330 -1.89 63.23 13.75
N SER A 331 -1.40 64.42 13.42
CA SER A 331 -0.86 65.35 14.41
C SER A 331 -1.91 66.42 14.71
N GLU A 332 -1.54 67.41 15.51
CA GLU A 332 -2.46 68.50 15.90
C GLU A 332 -2.85 69.42 14.74
N GLN A 333 -2.10 69.33 13.64
CA GLN A 333 -2.35 70.18 12.47
C GLN A 333 -2.83 69.38 11.25
N GLN A 334 -2.79 68.06 11.35
CA GLN A 334 -3.25 67.18 10.26
C GLN A 334 -4.74 66.88 10.37
N GLY A 335 -5.39 66.79 9.21
CA GLY A 335 -6.83 66.51 9.15
C GLY A 335 -7.21 65.58 8.01
N LEU A 336 -8.39 64.96 8.14
CA LEU A 336 -8.90 64.05 7.11
C LEU A 336 -10.32 64.42 6.70
N LEU A 337 -10.55 64.49 5.39
CA LEU A 337 -11.87 64.71 4.83
C LEU A 337 -12.51 63.37 4.50
N LEU A 338 -13.58 63.05 5.23
CA LEU A 338 -14.24 61.74 5.10
C LEU A 338 -15.57 61.82 4.37
N LYS A 339 -15.86 60.78 3.60
CA LYS A 339 -17.12 60.66 2.87
C LYS A 339 -17.81 59.34 3.23
N ALA A 340 -19.11 59.41 3.46
CA ALA A 340 -19.91 58.23 3.76
C ALA A 340 -20.38 57.55 2.49
N LEU A 341 -20.09 56.25 2.38
CA LEU A 341 -20.55 55.45 1.24
C LEU A 341 -21.96 54.91 1.47
N GLN A 342 -22.30 54.74 2.75
CA GLN A 342 -23.64 54.32 3.17
C GLN A 342 -23.96 54.90 4.57
N PRO A 343 -25.25 54.92 4.96
CA PRO A 343 -25.68 55.44 6.27
C PRO A 343 -24.79 54.98 7.44
N LEU A 344 -24.49 55.89 8.35
CA LEU A 344 -23.57 55.65 9.46
C LEU A 344 -24.05 56.22 10.79
N GLU A 345 -23.34 55.89 11.86
CA GLU A 345 -23.64 56.39 13.20
C GLU A 345 -22.42 57.08 13.82
N ARG A 352 -19.48 60.05 18.02
CA ARG A 352 -19.66 60.60 16.67
C ARG A 352 -21.13 60.62 16.28
N VAL A 353 -21.56 61.72 15.65
CA VAL A 353 -22.95 61.89 15.20
C VAL A 353 -23.21 61.09 13.91
N ALA A 354 -24.48 60.77 13.68
CA ALA A 354 -24.89 59.97 12.53
C ALA A 354 -24.81 60.74 11.21
N HIS A 355 -24.33 60.05 10.17
CA HIS A 355 -24.22 60.63 8.83
C HIS A 355 -25.10 59.87 7.83
N GLN A 356 -25.75 60.60 6.94
CA GLN A 356 -26.71 60.03 6.00
C GLN A 356 -26.05 59.45 4.74
N ALA A 357 -26.47 59.93 3.58
CA ALA A 357 -26.00 59.41 2.30
C ALA A 357 -24.57 59.83 1.95
N GLY A 358 -24.43 60.92 1.20
CA GLY A 358 -23.12 61.41 0.78
C GLY A 358 -22.63 62.58 1.61
N ASP A 359 -22.74 62.44 2.93
CA ASP A 359 -22.30 63.49 3.86
C ASP A 359 -20.78 63.57 3.96
N ARG A 360 -20.29 64.79 4.15
CA ARG A 360 -18.85 65.03 4.30
C ARG A 360 -18.55 65.80 5.58
N TRP A 361 -17.48 65.40 6.25
CA TRP A 361 -17.05 66.03 7.51
C TRP A 361 -15.54 65.94 7.70
N LEU A 362 -15.00 66.84 8.52
CA LEU A 362 -13.56 66.89 8.78
C LEU A 362 -13.23 66.28 10.14
N ILE A 363 -12.19 65.45 10.17
CA ILE A 363 -11.68 64.85 11.40
C ILE A 363 -10.29 65.41 11.71
N ARG A 364 -10.19 66.08 12.85
CA ARG A 364 -8.94 66.68 13.31
C ARG A 364 -8.14 65.74 14.20
N GLY A 365 -6.82 65.91 14.20
CA GLY A 365 -5.94 65.14 15.07
C GLY A 365 -5.74 65.82 16.42
N PRO A 366 -4.83 65.29 17.26
CA PRO A 366 -4.03 64.09 17.00
C PRO A 366 -4.78 62.79 17.29
N LEU A 367 -4.76 61.88 16.31
CA LEU A 367 -5.47 60.61 16.40
C LEU A 367 -4.83 59.55 15.52
N GLU A 368 -4.75 58.33 16.03
CA GLU A 368 -4.30 57.18 15.25
C GLU A 368 -5.53 56.56 14.58
N TYR A 369 -6.00 57.21 13.51
CA TYR A 369 -7.27 56.87 12.88
C TYR A 369 -7.18 55.73 11.86
N VAL A 370 -8.21 54.88 11.87
CA VAL A 370 -8.37 53.81 10.90
C VAL A 370 -9.82 53.79 10.38
N PRO A 371 -10.01 53.98 9.07
CA PRO A 371 -11.36 54.06 8.51
C PRO A 371 -12.05 52.70 8.38
N SER A 372 -13.36 52.68 8.64
CA SER A 372 -14.17 51.48 8.46
C SER A 372 -14.55 51.30 6.98
N ALA A 373 -15.24 50.21 6.68
CA ALA A 373 -15.67 49.89 5.32
C ALA A 373 -16.72 50.88 4.78
N LYS A 374 -17.49 51.45 5.69
CA LYS A 374 -18.58 52.36 5.33
C LYS A 374 -18.10 53.77 4.98
N VAL A 375 -16.97 54.19 5.55
CA VAL A 375 -16.36 55.48 5.25
C VAL A 375 -15.21 55.37 4.25
N GLU A 376 -14.90 56.48 3.59
CA GLU A 376 -13.73 56.56 2.72
C GLU A 376 -12.97 57.87 2.94
N VAL A 377 -11.65 57.83 2.71
CA VAL A 377 -10.81 59.01 2.85
C VAL A 377 -10.67 59.71 1.49
N VAL A 378 -11.12 60.96 1.43
CA VAL A 378 -11.07 61.75 0.20
C VAL A 378 -9.73 62.50 0.09
N GLU A 379 -9.38 63.20 1.16
CA GLU A 379 -8.18 64.04 1.17
C GLU A 379 -7.58 64.14 2.57
N GLU A 380 -6.25 64.19 2.64
CA GLU A 380 -5.56 64.48 3.90
C GLU A 380 -5.11 65.93 3.89
N ARG A 381 -5.67 66.72 4.81
CA ARG A 381 -5.39 68.15 4.90
C ARG A 381 -4.21 68.44 5.82
N GLN A 382 -3.42 69.45 5.46
CA GLN A 382 -2.22 69.80 6.20
C GLN A 382 -2.27 71.23 6.73
N ALA A 383 -1.78 71.41 7.96
CA ALA A 383 -1.70 72.71 8.64
C ALA A 383 -3.03 73.45 8.76
N ILE A 384 -3.77 73.16 9.83
CA ILE A 384 -5.06 73.79 10.09
C ILE A 384 -5.00 74.64 11.36
#